data_8D95
#
_entry.id   8D95
#
_cell.length_a   76.302
_cell.length_b   44.800
_cell.length_c   62.132
_cell.angle_alpha   90.000
_cell.angle_beta   114.392
_cell.angle_gamma   90.000
#
_symmetry.space_group_name_H-M   'C 1 2 1'
#
loop_
_entity.id
_entity.type
_entity.pdbx_description
1 polymer 'Complement factor D'
2 non-polymer N-(6-bromopyridin-2-yl)-1-[(3-cyanophenyl)acetyl]-L-prolinamide
3 water water
#
_entity_poly.entity_id   1
_entity_poly.type   'polypeptide(L)'
_entity_poly.pdbx_seq_one_letter_code
;ILGGREAEAHARPYMASVQLNGAHLCGGVLVAEQWVLSAAHCLEDAADGKVQVLLGAHSLSQPEPSKRLYDVLRAVPHPD
SQPDTIDHDLLLLQLSEKATLGPAVRPLPWQRVDRDVAPGTLCDVAGWGIVNHAGRRPDSLQHVLLPVLDRATCNRRTHH
DGAITERLMCAESNRRDSCKGDSGGPLVCGGVLEGVVTSGSRVCGNRKKPGIYTRVASYAAWIDSVLASA
;
_entity_poly.pdbx_strand_id   A
#
# COMPACT_ATOMS: atom_id res chain seq x y z
N ILE A 1 0.74 -10.70 -4.11
CA ILE A 1 1.88 -10.52 -5.06
C ILE A 1 2.00 -11.75 -5.95
N LEU A 2 1.90 -11.53 -7.27
CA LEU A 2 2.07 -12.56 -8.28
C LEU A 2 3.46 -12.44 -8.92
N GLY A 3 4.04 -13.62 -9.27
CA GLY A 3 5.27 -13.74 -10.04
C GLY A 3 6.50 -13.20 -9.29
N GLY A 4 6.43 -13.25 -7.95
CA GLY A 4 7.42 -12.62 -7.10
C GLY A 4 8.36 -13.62 -6.44
N ARG A 5 8.96 -13.18 -5.35
CA ARG A 5 9.83 -14.03 -4.54
C ARG A 5 9.63 -13.60 -3.10
N GLU A 6 10.07 -14.46 -2.18
CA GLU A 6 10.02 -14.16 -0.77
C GLU A 6 10.87 -12.93 -0.48
N ALA A 7 10.29 -11.98 0.24
CA ALA A 7 11.05 -10.86 0.78
C ALA A 7 12.02 -11.39 1.83
N GLU A 8 13.13 -10.70 2.02
CA GLU A 8 14.06 -10.93 3.12
C GLU A 8 13.43 -10.42 4.42
N ALA A 9 13.52 -11.23 5.48
CA ALA A 9 12.90 -10.95 6.77
C ALA A 9 13.29 -9.55 7.25
N HIS A 10 12.28 -8.65 7.30
CA HIS A 10 12.32 -7.38 8.01
C HIS A 10 13.03 -6.30 7.22
N ALA A 11 13.34 -6.61 5.95
CA ALA A 11 14.15 -5.72 5.13
C ALA A 11 13.33 -4.54 4.62
N ARG A 12 11.99 -4.57 4.79
CA ARG A 12 11.09 -3.48 4.38
C ARG A 12 10.29 -3.00 5.60
N PRO A 13 10.90 -2.23 6.51
CA PRO A 13 10.33 -2.03 7.86
C PRO A 13 9.07 -1.14 8.00
N TYR A 14 8.68 -0.49 6.89
CA TYR A 14 7.50 0.37 6.85
C TYR A 14 6.23 -0.43 6.63
N MET A 15 6.41 -1.70 6.25
CA MET A 15 5.29 -2.52 5.82
C MET A 15 4.41 -2.80 7.01
N ALA A 16 3.10 -2.60 6.80
CA ALA A 16 2.06 -2.82 7.77
C ALA A 16 1.01 -3.75 7.18
N SER A 17 0.33 -4.47 8.07
CA SER A 17 -0.84 -5.28 7.78
C SER A 17 -2.05 -4.62 8.44
N VAL A 18 -3.02 -4.12 7.64
CA VAL A 18 -4.26 -3.59 8.17
C VAL A 18 -5.27 -4.74 8.29
N GLN A 19 -5.88 -4.87 9.46
CA GLN A 19 -6.52 -6.12 9.86
C GLN A 19 -7.92 -5.83 10.41
N LEU A 20 -8.81 -6.81 10.21
CA LEU A 20 -10.12 -6.82 10.82
C LEU A 20 -10.30 -8.20 11.46
N ASN A 21 -10.42 -8.20 12.79
CA ASN A 21 -10.65 -9.40 13.58
C ASN A 21 -9.51 -10.41 13.44
N GLY A 22 -8.29 -9.89 13.40
CA GLY A 22 -7.08 -10.71 13.37
C GLY A 22 -6.76 -11.27 11.99
N ALA A 23 -7.47 -10.81 10.95
CA ALA A 23 -7.23 -11.24 9.59
C ALA A 23 -6.61 -10.09 8.78
N HIS A 24 -5.56 -10.40 8.01
CA HIS A 24 -4.97 -9.45 7.08
C HIS A 24 -5.98 -9.04 6.02
N LEU A 25 -6.23 -7.73 5.88
CA LEU A 25 -7.16 -7.20 4.89
C LEU A 25 -6.42 -6.41 3.81
N CYS A 26 -5.59 -5.47 4.27
CA CYS A 26 -5.00 -4.50 3.37
C CYS A 26 -3.53 -4.34 3.71
N GLY A 27 -2.79 -3.86 2.71
CA GLY A 27 -1.48 -3.30 2.98
C GLY A 27 -1.66 -1.94 3.64
N GLY A 28 -0.58 -1.48 4.25
CA GLY A 28 -0.47 -0.10 4.66
C GLY A 28 1.00 0.27 4.81
N VAL A 29 1.23 1.57 4.97
CA VAL A 29 2.56 2.14 5.05
C VAL A 29 2.61 3.02 6.29
N LEU A 30 3.49 2.68 7.22
CA LEU A 30 3.82 3.60 8.30
C LEU A 30 4.40 4.85 7.66
N VAL A 31 3.67 5.98 7.80
CA VAL A 31 4.11 7.26 7.27
C VAL A 31 4.44 8.23 8.40
N ALA A 32 3.98 7.95 9.62
CA ALA A 32 4.43 8.68 10.79
C ALA A 32 4.33 7.72 11.97
N GLU A 33 4.72 8.21 13.16
CA GLU A 33 4.81 7.37 14.33
C GLU A 33 3.43 6.85 14.75
N GLN A 34 2.34 7.58 14.47
CA GLN A 34 1.01 7.17 14.89
C GLN A 34 0.01 7.09 13.73
N TRP A 35 0.46 7.24 12.47
CA TRP A 35 -0.44 7.23 11.31
C TRP A 35 0.06 6.23 10.28
N VAL A 36 -0.89 5.49 9.71
CA VAL A 36 -0.64 4.56 8.63
C VAL A 36 -1.53 4.98 7.48
N LEU A 37 -0.94 5.09 6.28
CA LEU A 37 -1.66 5.40 5.04
C LEU A 37 -2.04 4.09 4.38
N SER A 38 -3.30 4.05 3.95
CA SER A 38 -3.91 2.89 3.32
C SER A 38 -4.94 3.41 2.31
N ALA A 39 -5.76 2.50 1.77
CA ALA A 39 -6.78 2.89 0.82
C ALA A 39 -8.16 2.99 1.49
N ALA A 40 -9.04 3.80 0.88
CA ALA A 40 -10.27 4.25 1.52
C ALA A 40 -11.33 3.16 1.61
N HIS A 41 -11.30 2.13 0.75
CA HIS A 41 -12.29 1.06 0.87
C HIS A 41 -11.75 -0.13 1.67
N CYS A 42 -10.56 0.01 2.29
CA CYS A 42 -10.08 -1.01 3.21
C CYS A 42 -10.98 -1.08 4.46
N LEU A 43 -11.45 0.10 4.89
CA LEU A 43 -12.14 0.28 6.16
C LEU A 43 -13.60 -0.19 6.08
N GLU A 44 -14.12 -0.32 4.85
CA GLU A 44 -15.53 -0.09 4.56
C GLU A 44 -16.39 -1.32 4.91
N GLY A 49 -17.31 -1.92 13.70
CA GLY A 49 -16.13 -2.59 13.12
C GLY A 49 -14.83 -2.15 13.77
N LYS A 50 -14.02 -3.13 14.21
CA LYS A 50 -12.87 -2.87 15.07
C LYS A 50 -11.56 -3.15 14.32
N VAL A 51 -10.91 -2.06 13.87
CA VAL A 51 -9.78 -2.09 12.95
C VAL A 51 -8.44 -2.00 13.71
N GLN A 52 -7.47 -2.87 13.36
CA GLN A 52 -6.16 -2.94 13.99
C GLN A 52 -5.03 -3.04 12.95
N VAL A 53 -3.78 -2.72 13.35
CA VAL A 53 -2.62 -2.64 12.47
C VAL A 53 -1.42 -3.42 13.06
N LEU A 54 -0.78 -4.31 12.26
CA LEU A 54 0.36 -5.14 12.66
C LEU A 54 1.67 -4.65 11.99
N LEU A 55 2.65 -4.31 12.82
CA LEU A 55 3.94 -3.79 12.37
C LEU A 55 5.03 -4.81 12.70
N GLY A 56 6.19 -4.71 12.04
CA GLY A 56 7.39 -5.43 12.41
C GLY A 56 7.44 -6.87 11.90
N ALA A 57 6.59 -7.20 10.94
CA ALA A 57 6.27 -8.59 10.65
C ALA A 57 6.93 -9.08 9.37
N HIS A 58 7.27 -10.37 9.35
CA HIS A 58 7.61 -11.06 8.10
C HIS A 58 6.57 -12.16 7.88
N SER A 59 6.50 -13.09 8.84
CA SER A 59 5.40 -14.05 8.92
C SER A 59 4.22 -13.41 9.65
N LEU A 60 3.01 -13.68 9.17
CA LEU A 60 1.80 -13.22 9.84
C LEU A 60 1.53 -14.05 11.11
N SER A 61 1.90 -15.34 11.07
CA SER A 61 1.55 -16.29 12.13
C SER A 61 2.68 -16.46 13.17
N GLN A 62 3.95 -16.38 12.75
CA GLN A 62 5.04 -16.93 13.55
C GLN A 62 5.65 -15.88 14.48
N PRO A 63 6.15 -16.34 15.66
CA PRO A 63 6.73 -15.44 16.64
C PRO A 63 8.01 -14.87 16.04
N GLU A 64 8.12 -13.53 16.11
CA GLU A 64 9.27 -12.80 15.62
C GLU A 64 9.56 -11.73 16.63
N PRO A 65 10.86 -11.47 16.94
CA PRO A 65 11.22 -10.49 17.95
C PRO A 65 10.60 -9.10 17.75
N SER A 66 10.29 -8.70 16.50
CA SER A 66 9.92 -7.33 16.18
C SER A 66 8.39 -7.12 15.98
N LYS A 67 7.57 -8.18 16.00
CA LYS A 67 6.14 -8.05 15.69
C LYS A 67 5.34 -7.36 16.80
N ARG A 68 4.41 -6.45 16.41
CA ARG A 68 3.52 -5.75 17.34
C ARG A 68 2.24 -5.27 16.64
N LEU A 69 1.10 -5.48 17.33
CA LEU A 69 -0.22 -5.11 16.85
C LEU A 69 -0.75 -3.87 17.59
N TYR A 70 -1.54 -3.03 16.89
CA TYR A 70 -2.01 -1.75 17.42
C TYR A 70 -3.52 -1.59 17.20
N ASP A 71 -4.20 -0.77 18.03
CA ASP A 71 -5.59 -0.38 17.84
C ASP A 71 -5.66 0.94 17.07
N VAL A 72 -6.84 1.23 16.48
CA VAL A 72 -7.12 2.44 15.71
C VAL A 72 -8.05 3.37 16.48
N LEU A 73 -7.62 4.61 16.70
CA LEU A 73 -8.44 5.62 17.34
C LEU A 73 -9.42 6.25 16.35
N ARG A 74 -9.02 6.35 15.08
CA ARG A 74 -9.67 7.30 14.20
C ARG A 74 -9.32 6.98 12.75
N ALA A 75 -10.38 6.86 11.94
CA ALA A 75 -10.26 6.66 10.52
C ALA A 75 -10.71 7.94 9.82
N VAL A 76 -9.83 8.46 8.95
CA VAL A 76 -10.16 9.64 8.20
C VAL A 76 -10.07 9.32 6.72
N PRO A 77 -11.20 8.90 6.11
CA PRO A 77 -11.25 8.76 4.66
C PRO A 77 -11.23 10.14 4.02
N HIS A 78 -10.60 10.25 2.84
CA HIS A 78 -10.67 11.47 2.05
C HIS A 78 -12.14 11.86 1.89
N PRO A 79 -12.55 13.13 2.18
CA PRO A 79 -13.96 13.51 2.24
C PRO A 79 -14.70 13.52 0.91
N ASP A 80 -13.97 13.35 -0.21
CA ASP A 80 -14.54 13.32 -1.55
C ASP A 80 -14.56 11.90 -2.10
N SER A 81 -13.99 10.94 -1.35
CA SER A 81 -14.06 9.54 -1.73
C SER A 81 -15.50 9.06 -1.62
N GLN A 82 -15.85 8.15 -2.53
CA GLN A 82 -17.17 7.58 -2.60
C GLN A 82 -16.98 6.07 -2.68
N PRO A 83 -17.93 5.28 -2.13
CA PRO A 83 -17.87 3.82 -2.21
C PRO A 83 -17.65 3.28 -3.63
N ASP A 84 -18.23 3.94 -4.65
CA ASP A 84 -18.29 3.37 -5.98
C ASP A 84 -17.18 3.88 -6.89
N THR A 85 -16.18 4.60 -6.37
CA THR A 85 -15.09 5.10 -7.19
C THR A 85 -13.72 4.72 -6.58
N ILE A 86 -12.65 4.86 -7.38
CA ILE A 86 -11.28 4.80 -6.89
C ILE A 86 -10.63 6.18 -7.04
N ASP A 87 -11.46 7.24 -7.05
CA ASP A 87 -11.00 8.60 -6.96
C ASP A 87 -10.84 8.90 -5.48
N HIS A 88 -9.75 9.57 -5.10
CA HIS A 88 -9.51 10.00 -3.74
C HIS A 88 -9.49 8.80 -2.79
N ASP A 89 -8.88 7.70 -3.25
CA ASP A 89 -8.98 6.41 -2.57
C ASP A 89 -7.87 6.27 -1.54
N LEU A 90 -7.82 7.23 -0.59
CA LEU A 90 -6.87 7.19 0.51
C LEU A 90 -7.59 7.21 1.86
N LEU A 91 -6.86 6.75 2.86
CA LEU A 91 -7.38 6.52 4.20
C LEU A 91 -6.23 6.70 5.17
N LEU A 92 -6.40 7.65 6.11
CA LEU A 92 -5.43 7.78 7.17
C LEU A 92 -6.02 7.23 8.47
N LEU A 93 -5.24 6.33 9.08
CA LEU A 93 -5.56 5.61 10.30
C LEU A 93 -4.67 6.14 11.42
N GLN A 94 -5.27 6.69 12.46
CA GLN A 94 -4.51 7.14 13.60
C GLN A 94 -4.47 5.96 14.59
N LEU A 95 -3.26 5.45 14.86
CA LEU A 95 -3.06 4.38 15.83
C LEU A 95 -3.51 4.89 17.20
N SER A 96 -3.90 3.95 18.05
CA SER A 96 -4.37 4.25 19.40
C SER A 96 -3.20 4.79 20.25
N GLU A 97 -1.97 4.39 19.91
CA GLU A 97 -0.78 4.99 20.51
C GLU A 97 0.35 4.99 19.49
N LYS A 98 1.35 5.86 19.73
CA LYS A 98 2.56 5.91 18.91
C LYS A 98 3.25 4.54 18.84
N ALA A 99 3.80 4.21 17.67
CA ALA A 99 4.51 2.95 17.48
C ALA A 99 5.94 3.01 18.00
N THR A 100 6.42 1.85 18.45
CA THR A 100 7.80 1.62 18.86
C THR A 100 8.67 1.35 17.62
N LEU A 101 9.53 2.32 17.28
CA LEU A 101 10.32 2.23 16.06
C LEU A 101 11.63 1.48 16.31
N GLY A 102 12.17 0.88 15.24
CA GLY A 102 13.49 0.26 15.26
C GLY A 102 13.86 -0.28 13.87
N PRO A 103 14.95 -1.08 13.72
CA PRO A 103 15.36 -1.59 12.41
C PRO A 103 14.27 -2.32 11.62
N ALA A 104 13.33 -2.96 12.31
CA ALA A 104 12.25 -3.72 11.67
C ALA A 104 10.93 -2.96 11.59
N VAL A 105 10.84 -1.76 12.20
CA VAL A 105 9.61 -0.96 12.19
C VAL A 105 9.96 0.52 12.06
N ARG A 106 9.80 1.11 10.86
CA ARG A 106 10.01 2.55 10.74
C ARG A 106 9.25 3.12 9.55
N PRO A 107 8.91 4.43 9.60
CA PRO A 107 8.18 5.10 8.52
C PRO A 107 8.99 5.16 7.23
N LEU A 108 8.26 5.15 6.11
CA LEU A 108 8.87 5.37 4.82
C LEU A 108 8.51 6.79 4.38
N PRO A 109 9.50 7.59 3.93
CA PRO A 109 9.22 8.88 3.30
C PRO A 109 8.29 8.75 2.09
N TRP A 110 7.39 9.73 1.93
CA TRP A 110 6.42 9.72 0.84
C TRP A 110 6.66 10.92 -0.06
N GLN A 111 6.31 10.79 -1.34
CA GLN A 111 6.67 11.77 -2.35
C GLN A 111 5.82 13.03 -2.21
N ARG A 112 6.47 14.15 -1.86
CA ARG A 112 5.80 15.44 -1.74
C ARG A 112 5.92 16.20 -3.06
N VAL A 113 6.82 15.76 -3.96
CA VAL A 113 7.07 16.56 -5.15
C VAL A 113 6.14 16.06 -6.26
N ASP A 114 5.33 16.97 -6.79
CA ASP A 114 4.31 16.58 -7.76
C ASP A 114 4.99 16.48 -9.13
N ARG A 115 5.65 15.33 -9.35
CA ARG A 115 6.41 14.98 -10.55
C ARG A 115 6.28 13.48 -10.82
N ASP A 116 6.24 13.08 -12.10
CA ASP A 116 6.05 11.70 -12.50
C ASP A 116 7.35 10.91 -12.37
N VAL A 117 7.25 9.63 -11.98
CA VAL A 117 8.37 8.71 -12.00
C VAL A 117 8.76 8.44 -13.46
N ALA A 118 10.06 8.28 -13.72
CA ALA A 118 10.55 8.05 -15.07
C ALA A 118 10.05 6.71 -15.61
N PRO A 119 9.30 6.72 -16.73
CA PRO A 119 8.82 5.47 -17.32
C PRO A 119 9.92 4.42 -17.53
N GLY A 120 9.64 3.17 -17.15
CA GLY A 120 10.61 2.09 -17.28
C GLY A 120 11.36 1.80 -15.97
N THR A 121 11.31 2.75 -15.02
CA THR A 121 11.87 2.55 -13.69
C THR A 121 11.26 1.33 -13.01
N LEU A 122 12.09 0.40 -12.53
CA LEU A 122 11.56 -0.73 -11.79
C LEU A 122 11.36 -0.30 -10.34
N CYS A 123 10.10 -0.32 -9.86
CA CYS A 123 9.82 -0.04 -8.47
C CYS A 123 9.42 -1.35 -7.78
N ASP A 124 9.40 -1.31 -6.44
CA ASP A 124 9.23 -2.50 -5.63
C ASP A 124 7.84 -2.44 -5.00
N VAL A 125 7.05 -3.51 -5.20
CA VAL A 125 5.75 -3.61 -4.56
C VAL A 125 5.78 -4.83 -3.66
N ALA A 126 5.33 -4.61 -2.42
CA ALA A 126 5.28 -5.65 -1.41
C ALA A 126 3.89 -5.72 -0.78
N GLY A 127 3.61 -6.89 -0.19
CA GLY A 127 2.32 -7.20 0.40
C GLY A 127 2.19 -8.68 0.77
N TRP A 128 1.13 -8.95 1.53
CA TRP A 128 0.73 -10.28 1.90
C TRP A 128 -0.49 -10.66 1.09
N GLY A 129 -0.67 -9.95 -0.03
CA GLY A 129 -1.74 -10.26 -0.95
C GLY A 129 -1.60 -11.67 -1.52
N ILE A 130 -2.58 -12.06 -2.32
CA ILE A 130 -2.65 -13.42 -2.85
C ILE A 130 -1.45 -13.63 -3.77
N VAL A 131 -0.93 -14.87 -3.81
CA VAL A 131 0.27 -15.15 -4.62
C VAL A 131 -0.08 -16.04 -5.81
N ASN A 132 -1.36 -16.34 -5.97
CA ASN A 132 -1.83 -16.93 -7.21
C ASN A 132 -3.30 -16.59 -7.42
N HIS A 133 -3.77 -16.98 -8.61
CA HIS A 133 -5.13 -16.76 -9.08
C HIS A 133 -6.14 -17.72 -8.44
N ALA A 134 -5.68 -18.64 -7.58
CA ALA A 134 -6.56 -19.41 -6.73
C ALA A 134 -6.69 -18.75 -5.34
N GLY A 135 -6.02 -17.61 -5.12
CA GLY A 135 -6.23 -16.80 -3.92
C GLY A 135 -5.49 -17.32 -2.68
N ARG A 136 -4.33 -17.95 -2.89
CA ARG A 136 -3.49 -18.44 -1.82
C ARG A 136 -2.88 -17.26 -1.04
N ARG A 137 -3.04 -17.28 0.29
CA ARG A 137 -2.57 -16.25 1.19
C ARG A 137 -1.19 -16.65 1.75
N PRO A 138 -0.10 -15.91 1.44
CA PRO A 138 1.21 -16.26 1.99
C PRO A 138 1.39 -15.89 3.45
N ASP A 139 2.11 -16.73 4.21
CA ASP A 139 2.40 -16.43 5.60
C ASP A 139 3.41 -15.29 5.66
N SER A 140 4.39 -15.32 4.73
CA SER A 140 5.52 -14.41 4.75
C SER A 140 5.42 -13.36 3.63
N LEU A 141 5.96 -12.18 3.91
CA LEU A 141 5.88 -11.06 2.97
C LEU A 141 6.57 -11.43 1.67
N GLN A 142 5.87 -11.13 0.55
CA GLN A 142 6.43 -11.28 -0.78
C GLN A 142 6.68 -9.90 -1.37
N HIS A 143 7.47 -9.86 -2.43
CA HIS A 143 7.64 -8.64 -3.20
C HIS A 143 7.92 -8.97 -4.66
N VAL A 144 7.83 -7.93 -5.50
CA VAL A 144 8.05 -8.06 -6.93
C VAL A 144 8.48 -6.69 -7.44
N LEU A 145 9.47 -6.71 -8.35
CA LEU A 145 9.95 -5.52 -9.03
C LEU A 145 9.17 -5.33 -10.34
N LEU A 146 8.68 -4.09 -10.59
CA LEU A 146 7.71 -3.77 -11.64
C LEU A 146 8.07 -2.44 -12.34
N PRO A 147 8.09 -2.39 -13.70
CA PRO A 147 8.29 -1.14 -14.43
C PRO A 147 7.09 -0.18 -14.50
N VAL A 148 7.33 1.12 -14.30
CA VAL A 148 6.28 2.15 -14.37
C VAL A 148 6.05 2.57 -15.82
N LEU A 149 4.77 2.75 -16.16
CA LEU A 149 4.29 3.17 -17.47
C LEU A 149 4.07 4.68 -17.51
N ASP A 150 4.10 5.24 -18.73
CA ASP A 150 3.92 6.69 -18.90
C ASP A 150 2.43 7.02 -18.78
N ARG A 151 2.13 8.28 -18.45
CA ARG A 151 0.80 8.72 -18.05
C ARG A 151 -0.22 8.48 -19.18
N ALA A 152 0.18 8.74 -20.43
CA ALA A 152 -0.69 8.51 -21.58
C ALA A 152 -1.09 7.04 -21.68
N THR A 153 -0.14 6.11 -21.51
CA THR A 153 -0.44 4.68 -21.54
C THR A 153 -1.40 4.33 -20.40
N CYS A 154 -1.19 4.99 -19.25
CA CYS A 154 -2.01 4.84 -18.04
C CYS A 154 -3.44 5.34 -18.29
N ASN A 155 -3.62 6.40 -19.09
CA ASN A 155 -4.96 6.91 -19.38
C ASN A 155 -5.68 6.01 -20.38
N ARG A 156 -4.98 5.52 -21.41
CA ARG A 156 -5.63 4.83 -22.50
C ARG A 156 -6.09 3.45 -22.01
N ARG A 157 -5.13 2.57 -21.74
CA ARG A 157 -5.40 1.31 -21.05
C ARG A 157 -5.89 1.66 -19.64
N THR A 158 -7.08 1.13 -19.30
CA THR A 158 -7.83 1.41 -18.08
C THR A 158 -9.07 2.25 -18.42
N HIS A 159 -8.89 3.53 -18.77
CA HIS A 159 -10.03 4.37 -19.16
C HIS A 159 -10.53 3.94 -20.54
N THR A 165 -6.43 10.63 -15.25
CA THR A 165 -6.38 11.85 -14.41
C THR A 165 -4.93 12.07 -13.96
N GLU A 166 -4.70 13.19 -13.26
CA GLU A 166 -3.38 13.52 -12.76
C GLU A 166 -3.10 12.81 -11.43
N ARG A 167 -4.11 12.13 -10.85
CA ARG A 167 -4.05 11.66 -9.47
C ARG A 167 -3.80 10.14 -9.37
N LEU A 168 -3.52 9.47 -10.51
CA LEU A 168 -3.24 8.04 -10.58
C LEU A 168 -1.96 7.75 -11.41
N MET A 169 -1.33 6.61 -11.15
CA MET A 169 -0.20 6.09 -11.92
C MET A 169 -0.35 4.57 -12.10
N CYS A 170 0.31 4.00 -13.11
CA CYS A 170 0.12 2.63 -13.54
C CYS A 170 1.47 1.93 -13.56
N ALA A 171 1.51 0.60 -13.41
CA ALA A 171 2.73 -0.18 -13.59
C ALA A 171 2.45 -1.44 -14.41
N GLU A 172 3.52 -1.93 -15.08
CA GLU A 172 3.45 -3.09 -15.95
C GLU A 172 3.09 -4.30 -15.11
N SER A 173 2.35 -5.24 -15.70
CA SER A 173 1.79 -6.35 -14.95
C SER A 173 1.80 -7.63 -15.78
N ASN A 174 2.99 -8.04 -16.25
CA ASN A 174 3.17 -9.19 -17.14
C ASN A 174 3.34 -10.47 -16.32
N ARG A 175 2.25 -10.87 -15.64
CA ARG A 175 2.25 -12.02 -14.73
C ARG A 175 3.03 -11.70 -13.45
N ARG A 176 3.60 -10.50 -13.39
CA ARG A 176 4.09 -9.94 -12.16
C ARG A 176 3.16 -8.77 -11.83
N ASP A 177 2.55 -8.80 -10.64
CA ASP A 177 1.58 -7.78 -10.30
C ASP A 177 1.33 -7.77 -8.79
N SER A 178 0.74 -6.67 -8.33
CA SER A 178 0.01 -6.60 -7.07
C SER A 178 -1.39 -7.13 -7.31
N CYS A 179 -2.03 -7.66 -6.25
CA CYS A 179 -3.38 -8.14 -6.39
C CYS A 179 -4.17 -7.85 -5.11
N LYS A 180 -5.35 -8.47 -5.00
CA LYS A 180 -6.18 -8.45 -3.81
C LYS A 180 -5.36 -8.64 -2.54
N GLY A 181 -5.51 -7.69 -1.60
CA GLY A 181 -4.91 -7.77 -0.28
C GLY A 181 -3.57 -7.04 -0.22
N ASP A 182 -3.08 -6.63 -1.39
CA ASP A 182 -1.92 -5.76 -1.49
C ASP A 182 -2.42 -4.31 -1.46
N SER A 183 -3.76 -4.16 -1.62
CA SER A 183 -4.53 -2.92 -1.47
C SER A 183 -4.07 -2.09 -0.29
N GLY A 184 -3.94 -0.78 -0.48
CA GLY A 184 -3.50 0.09 0.59
C GLY A 184 -1.98 0.03 0.81
N GLY A 185 -1.30 -0.86 0.05
CA GLY A 185 0.11 -1.13 0.25
C GLY A 185 1.01 -0.29 -0.65
N PRO A 186 2.37 -0.42 -0.55
CA PRO A 186 3.31 0.48 -1.23
C PRO A 186 3.91 0.08 -2.58
N LEU A 187 4.03 1.09 -3.45
CA LEU A 187 4.89 1.08 -4.61
C LEU A 187 6.04 2.02 -4.25
N VAL A 188 7.22 1.42 -4.12
CA VAL A 188 8.37 2.12 -3.60
C VAL A 188 9.41 2.22 -4.70
N CYS A 189 9.96 3.42 -4.85
CA CYS A 189 10.85 3.67 -5.96
C CYS A 189 12.06 4.48 -5.51
N GLY A 190 13.24 3.87 -5.60
CA GLY A 190 14.48 4.47 -5.09
C GLY A 190 14.35 4.87 -3.61
N GLY A 191 13.71 4.00 -2.81
CA GLY A 191 13.53 4.19 -1.38
C GLY A 191 12.41 5.16 -1.00
N VAL A 192 11.51 5.53 -1.92
CA VAL A 192 10.46 6.50 -1.60
C VAL A 192 9.11 5.99 -2.08
N LEU A 193 8.08 6.23 -1.26
CA LEU A 193 6.69 5.88 -1.56
C LEU A 193 6.11 6.80 -2.65
N GLU A 194 5.78 6.21 -3.78
CA GLU A 194 5.27 6.90 -4.96
C GLU A 194 3.78 6.57 -5.15
N GLY A 195 3.41 5.31 -4.89
CA GLY A 195 2.05 4.86 -5.12
C GLY A 195 1.44 4.16 -3.89
N VAL A 196 0.11 4.24 -3.79
CA VAL A 196 -0.62 3.42 -2.83
C VAL A 196 -1.56 2.55 -3.67
N VAL A 197 -1.35 1.23 -3.62
CA VAL A 197 -2.20 0.30 -4.33
C VAL A 197 -3.65 0.70 -4.05
N THR A 198 -4.47 0.82 -5.11
CA THR A 198 -5.89 1.14 -4.98
C THR A 198 -6.67 -0.04 -4.41
N SER A 199 -7.94 0.20 -4.01
CA SER A 199 -8.68 -0.74 -3.17
C SER A 199 -10.00 -1.18 -3.79
N GLY A 200 -10.27 -0.79 -5.05
CA GLY A 200 -11.35 -1.39 -5.83
C GLY A 200 -10.83 -2.62 -6.58
N SER A 201 -11.73 -3.55 -6.89
CA SER A 201 -11.30 -4.81 -7.51
C SER A 201 -10.88 -4.56 -8.96
N ARG A 202 -10.02 -5.44 -9.48
CA ARG A 202 -9.48 -5.34 -10.84
C ARG A 202 -8.76 -6.64 -11.18
N VAL A 203 -8.56 -6.88 -12.49
CA VAL A 203 -7.78 -8.01 -12.99
C VAL A 203 -6.29 -7.79 -12.68
N CYS A 204 -5.60 -8.86 -12.23
CA CYS A 204 -4.18 -8.85 -11.89
C CYS A 204 -3.38 -9.78 -12.81
N GLY A 205 -2.17 -9.35 -13.20
CA GLY A 205 -1.22 -10.22 -13.89
C GLY A 205 -1.38 -10.23 -15.42
N ASN A 206 -2.15 -9.26 -15.93
CA ASN A 206 -2.50 -9.15 -17.33
C ASN A 206 -1.87 -7.88 -17.89
N ARG A 207 -0.92 -8.06 -18.83
CA ARG A 207 -0.17 -6.96 -19.43
C ARG A 207 -1.06 -5.80 -19.83
N LYS A 208 -2.26 -6.13 -20.35
CA LYS A 208 -3.13 -5.19 -21.04
C LYS A 208 -3.89 -4.31 -20.03
N LYS A 209 -3.97 -4.76 -18.77
CA LYS A 209 -4.74 -4.09 -17.73
C LYS A 209 -3.81 -3.78 -16.57
N PRO A 210 -2.97 -2.72 -16.70
CA PRO A 210 -1.95 -2.40 -15.70
C PRO A 210 -2.51 -2.14 -14.31
N GLY A 211 -1.69 -2.48 -13.31
CA GLY A 211 -1.99 -2.12 -11.94
C GLY A 211 -2.06 -0.60 -11.79
N ILE A 212 -2.94 -0.18 -10.87
CA ILE A 212 -3.25 1.22 -10.67
C ILE A 212 -2.90 1.59 -9.23
N TYR A 213 -2.31 2.79 -9.08
CA TYR A 213 -1.78 3.27 -7.82
C TYR A 213 -2.16 4.75 -7.68
N THR A 214 -2.70 5.15 -6.52
CA THR A 214 -2.94 6.56 -6.23
C THR A 214 -1.61 7.29 -6.08
N ARG A 215 -1.46 8.41 -6.81
CA ARG A 215 -0.26 9.24 -6.67
C ARG A 215 -0.33 10.01 -5.37
N VAL A 216 0.51 9.59 -4.40
CA VAL A 216 0.53 10.19 -3.09
C VAL A 216 0.84 11.69 -3.19
N ALA A 217 1.72 12.06 -4.15
CA ALA A 217 2.09 13.45 -4.37
C ALA A 217 0.85 14.32 -4.64
N SER A 218 -0.11 13.76 -5.36
CA SER A 218 -1.34 14.44 -5.72
C SER A 218 -2.15 14.85 -4.48
N TYR A 219 -1.94 14.18 -3.34
CA TYR A 219 -2.75 14.42 -2.15
C TYR A 219 -1.92 15.02 -1.00
N ALA A 220 -0.81 15.67 -1.36
CA ALA A 220 0.10 16.21 -0.36
C ALA A 220 -0.66 17.10 0.65
N ALA A 221 -1.57 17.97 0.15
CA ALA A 221 -2.28 18.96 0.95
C ALA A 221 -3.29 18.31 1.90
N TRP A 222 -3.96 17.28 1.43
CA TRP A 222 -4.90 16.58 2.29
C TRP A 222 -4.14 15.89 3.42
N ILE A 223 -3.08 15.15 3.06
CA ILE A 223 -2.35 14.33 4.02
C ILE A 223 -1.75 15.22 5.12
N ASP A 224 -1.08 16.30 4.71
CA ASP A 224 -0.55 17.28 5.65
C ASP A 224 -1.65 17.80 6.59
N SER A 225 -2.82 18.17 6.05
CA SER A 225 -3.89 18.81 6.80
C SER A 225 -4.51 17.88 7.84
N VAL A 226 -4.53 16.57 7.56
CA VAL A 226 -4.97 15.59 8.55
C VAL A 226 -3.89 15.44 9.61
N LEU A 227 -2.63 15.26 9.18
CA LEU A 227 -1.53 15.02 10.10
C LEU A 227 -1.05 16.33 10.73
N ALA A 228 -1.60 17.48 10.25
CA ALA A 228 -1.23 18.81 10.74
C ALA A 228 -1.49 18.85 12.23
N SER A 229 -2.43 18.01 12.67
CA SER A 229 -2.50 17.51 14.02
C SER A 229 -1.86 16.11 14.08
N ALA A 230 -0.61 16.06 14.59
CA ALA A 230 0.16 14.83 14.69
C ALA A 230 -0.56 13.80 15.57
#